data_2QPS
#
_entry.id   2QPS
#
_cell.length_a   88.390
_cell.length_b   72.420
_cell.length_c   62.010
_cell.angle_alpha   90.00
_cell.angle_beta   90.00
_cell.angle_gamma   90.00
#
_symmetry.space_group_name_H-M   'P 21 21 2'
#
loop_
_entity.id
_entity.type
_entity.pdbx_description
1 polymer 'Alpha-amylase type A isozyme'
2 non-polymer 'CALCIUM ION'
3 water water
#
_entity_poly.entity_id   1
_entity_poly.type   'polypeptide(L)'
_entity_poly.pdbx_seq_one_letter_code
;HQVLFQGFNWESWKQSGGWYNMMMGKVDDIAAAGVTHVWLPPPSHSVSNEGYMPGRLYDIDASKYGNAAELKSLIGALHG
KGVQAIADIVINHRCADYKDSRGIYCIFEGGTSDGRLDWGPHMICRDDTKYSDGTANLDTGADFAAAPDIDHLNDRVQRE
LKEWLLWLKSDLGFDAWRLDFARGYSPEMAKVYIDGTSPSLAVAEVWDNMATGGDGKPNYDQDAHRQNLVNWVDKVGGAA
SAGMVFDFTTKGILNAAVEGELWRLIDPQGKAPGVMGWWPAKAVTFVDNHDTGSTQAMWPFPSDKVMQGYAYILTHPGIP
CIFYDHFFNWGFKDQIAALVAIRKRNGITATSALKILMHEGDAYVAEIDGKVVVKIGSRADVGAVIPAGFVTSAHGNDYA
VWEKN
;
_entity_poly.pdbx_strand_id   A
#
loop_
_chem_comp.id
_chem_comp.type
_chem_comp.name
_chem_comp.formula
CA non-polymer 'CALCIUM ION' 'Ca 2'
#
# COMPACT_ATOMS: atom_id res chain seq x y z
N HIS A 1 -1.30 7.50 16.78
CA HIS A 1 -2.21 7.67 15.60
C HIS A 1 -1.43 7.58 14.29
N GLN A 2 -2.02 6.97 13.27
CA GLN A 2 -1.35 6.82 11.98
C GLN A 2 -2.34 6.43 10.88
N VAL A 3 -2.55 7.31 9.90
CA VAL A 3 -3.48 7.07 8.79
C VAL A 3 -2.91 7.42 7.41
N LEU A 4 -2.65 6.40 6.60
CA LEU A 4 -2.10 6.58 5.26
C LEU A 4 -3.12 6.98 4.19
N PHE A 5 -2.62 7.54 3.08
CA PHE A 5 -3.45 7.99 1.97
C PHE A 5 -2.73 7.83 0.63
N GLN A 6 -3.31 7.06 -0.30
CA GLN A 6 -2.68 6.89 -1.61
C GLN A 6 -3.02 8.12 -2.44
N GLY A 7 -1.98 8.88 -2.80
CA GLY A 7 -2.19 10.11 -3.54
C GLY A 7 -2.06 10.13 -5.04
N PHE A 8 -2.65 9.14 -5.71
CA PHE A 8 -2.64 9.00 -7.17
C PHE A 8 -3.46 7.77 -7.59
N ASN A 9 -3.66 7.62 -8.90
CA ASN A 9 -4.35 6.47 -9.46
C ASN A 9 -3.69 6.17 -10.80
N TRP A 10 -4.16 5.13 -11.48
CA TRP A 10 -3.57 4.75 -12.75
C TRP A 10 -3.61 5.82 -13.85
N GLU A 11 -4.44 6.85 -13.68
CA GLU A 11 -4.59 7.91 -14.68
C GLU A 11 -3.95 9.24 -14.27
N SER A 12 -3.32 9.27 -13.12
CA SER A 12 -2.71 10.47 -12.64
C SER A 12 -1.65 11.08 -13.54
N TRP A 13 -0.76 10.26 -14.08
CA TRP A 13 0.28 10.81 -14.94
C TRP A 13 -0.24 11.70 -16.06
N LYS A 14 -1.51 11.56 -16.40
CA LYS A 14 -2.10 12.34 -17.49
C LYS A 14 -2.57 13.73 -17.08
N GLN A 15 -2.55 14.03 -15.78
CA GLN A 15 -3.01 15.32 -15.30
C GLN A 15 -2.40 16.52 -15.98
N SER A 16 -3.27 17.41 -16.45
CA SER A 16 -2.85 18.63 -17.14
C SER A 16 -2.22 19.60 -16.16
N GLY A 17 -1.01 20.06 -16.48
CA GLY A 17 -0.31 20.99 -15.60
C GLY A 17 0.59 20.24 -14.63
N GLY A 18 0.42 18.92 -14.58
CA GLY A 18 1.21 18.09 -13.70
C GLY A 18 0.46 17.60 -12.46
N TRP A 19 0.55 16.31 -12.19
CA TRP A 19 -0.12 15.74 -11.03
C TRP A 19 0.34 16.35 -9.70
N TYR A 20 1.65 16.51 -9.51
CA TYR A 20 2.15 17.11 -8.25
C TYR A 20 1.58 18.50 -8.04
N ASN A 21 1.58 19.33 -9.08
CA ASN A 21 1.05 20.69 -8.97
C ASN A 21 -0.43 20.68 -8.61
N MET A 22 -1.16 19.67 -9.11
CA MET A 22 -2.58 19.56 -8.79
C MET A 22 -2.73 19.09 -7.34
N MET A 23 -1.85 18.20 -6.91
CA MET A 23 -1.93 17.70 -5.54
C MET A 23 -1.68 18.83 -4.53
N MET A 24 -0.82 19.77 -4.92
CA MET A 24 -0.50 20.92 -4.07
C MET A 24 -1.77 21.51 -3.49
N GLY A 25 -2.82 21.53 -4.30
CA GLY A 25 -4.09 22.10 -3.88
C GLY A 25 -4.95 21.21 -3.00
N LYS A 26 -4.59 19.93 -2.90
CA LYS A 26 -5.34 18.98 -2.10
C LYS A 26 -4.64 18.71 -0.76
N VAL A 27 -3.53 19.39 -0.49
CA VAL A 27 -2.80 19.17 0.76
C VAL A 27 -3.59 19.51 2.03
N ASP A 28 -4.25 20.67 2.02
CA ASP A 28 -5.05 21.08 3.17
C ASP A 28 -6.17 20.09 3.44
N ASP A 29 -7.01 19.81 2.42
CA ASP A 29 -8.11 18.86 2.58
C ASP A 29 -7.63 17.53 3.18
N ILE A 30 -6.57 16.99 2.60
CA ILE A 30 -5.97 15.72 3.04
C ILE A 30 -5.48 15.78 4.48
N ALA A 31 -4.79 16.85 4.84
CA ALA A 31 -4.30 17.00 6.20
C ALA A 31 -5.43 17.19 7.21
N ALA A 32 -6.41 18.02 6.84
CA ALA A 32 -7.56 18.30 7.71
C ALA A 32 -8.44 17.09 7.93
N ALA A 33 -8.22 16.06 7.12
CA ALA A 33 -9.00 14.84 7.23
C ALA A 33 -8.44 13.99 8.35
N GLY A 34 -7.14 14.10 8.58
CA GLY A 34 -6.49 13.34 9.63
C GLY A 34 -5.34 12.51 9.11
N VAL A 35 -5.21 12.44 7.78
CA VAL A 35 -4.15 11.68 7.13
C VAL A 35 -2.81 11.99 7.75
N THR A 36 -1.96 10.99 7.90
CA THR A 36 -0.66 11.18 8.48
C THR A 36 0.48 10.93 7.51
N HIS A 37 0.23 10.09 6.50
CA HIS A 37 1.24 9.77 5.48
C HIS A 37 0.61 9.68 4.11
N VAL A 38 1.27 10.25 3.11
CA VAL A 38 0.77 10.21 1.74
C VAL A 38 1.70 9.42 0.84
N TRP A 39 1.14 8.40 0.20
CA TRP A 39 1.90 7.55 -0.71
C TRP A 39 1.84 8.20 -2.10
N LEU A 40 3.01 8.47 -2.64
CA LEU A 40 3.19 9.10 -3.95
C LEU A 40 3.80 8.10 -4.95
N PRO A 41 3.51 8.27 -6.24
CA PRO A 41 3.99 7.40 -7.32
C PRO A 41 5.50 7.36 -7.53
N PRO A 42 5.99 6.34 -8.24
CA PRO A 42 7.43 6.24 -8.49
C PRO A 42 7.83 7.55 -9.12
N PRO A 43 8.73 8.30 -8.45
CA PRO A 43 9.19 9.60 -8.93
C PRO A 43 10.18 9.64 -10.11
N SER A 44 10.77 8.50 -10.44
CA SER A 44 11.78 8.42 -11.48
C SER A 44 11.35 8.21 -12.92
N HIS A 45 12.30 8.43 -13.82
CA HIS A 45 12.13 8.24 -15.24
C HIS A 45 11.70 6.79 -15.43
N SER A 46 10.69 6.56 -16.24
CA SER A 46 10.18 5.22 -16.48
C SER A 46 9.82 5.00 -17.93
N VAL A 47 10.10 3.80 -18.42
CA VAL A 47 9.78 3.44 -19.79
C VAL A 47 8.25 3.45 -19.88
N SER A 48 7.58 3.15 -18.76
CA SER A 48 6.12 3.16 -18.71
C SER A 48 5.65 4.45 -18.05
N ASN A 49 4.65 5.07 -18.63
CA ASN A 49 4.14 6.34 -18.13
C ASN A 49 3.81 6.37 -16.65
N GLU A 50 3.28 5.28 -16.13
CA GLU A 50 2.88 5.24 -14.72
C GLU A 50 4.04 5.16 -13.72
N GLY A 51 5.25 4.97 -14.23
CA GLY A 51 6.41 4.93 -13.37
C GLY A 51 6.89 3.56 -12.96
N TYR A 52 6.17 2.50 -13.34
CA TYR A 52 6.57 1.17 -12.92
C TYR A 52 7.62 0.39 -13.71
N MET A 53 8.21 1.01 -14.72
CA MET A 53 9.30 0.37 -15.43
C MET A 53 10.46 1.39 -15.36
N PRO A 54 10.92 1.72 -14.14
CA PRO A 54 12.01 2.69 -13.96
C PRO A 54 13.27 2.44 -14.76
N GLY A 55 13.85 3.53 -15.26
CA GLY A 55 15.08 3.46 -16.01
C GLY A 55 16.16 4.24 -15.27
N ARG A 56 16.21 5.55 -15.52
CA ARG A 56 17.20 6.41 -14.87
C ARG A 56 16.64 6.89 -13.53
N LEU A 57 16.83 6.07 -12.49
CA LEU A 57 16.33 6.35 -11.15
C LEU A 57 16.64 7.75 -10.60
N TYR A 58 17.76 8.34 -11.01
CA TYR A 58 18.10 9.67 -10.53
C TYR A 58 17.39 10.76 -11.32
N ASP A 59 17.00 10.45 -12.55
CA ASP A 59 16.33 11.41 -13.39
C ASP A 59 14.87 11.63 -12.97
N ILE A 60 14.67 12.46 -11.94
CA ILE A 60 13.35 12.77 -11.44
C ILE A 60 12.59 13.68 -12.40
N ASP A 61 13.31 14.57 -13.08
CA ASP A 61 12.66 15.48 -14.01
C ASP A 61 12.06 14.84 -15.26
N ALA A 62 12.42 13.61 -15.58
CA ALA A 62 11.85 12.96 -16.75
C ALA A 62 10.52 12.31 -16.38
N SER A 63 10.11 12.47 -15.14
CA SER A 63 8.88 11.88 -14.63
C SER A 63 7.63 12.56 -15.17
N LYS A 64 6.67 11.75 -15.63
CA LYS A 64 5.40 12.23 -16.16
C LYS A 64 4.56 12.90 -15.07
N TYR A 65 4.84 12.58 -13.82
CA TYR A 65 4.11 13.17 -12.70
C TYR A 65 4.53 14.59 -12.42
N GLY A 66 5.81 14.89 -12.66
CA GLY A 66 6.33 16.23 -12.43
C GLY A 66 7.83 16.15 -12.21
N ASN A 67 8.49 17.30 -12.25
CA ASN A 67 9.94 17.32 -12.03
C ASN A 67 10.28 17.40 -10.54
N ALA A 68 11.58 17.46 -10.24
CA ALA A 68 12.04 17.51 -8.86
C ALA A 68 11.50 18.71 -8.08
N ALA A 69 11.48 19.88 -8.72
CA ALA A 69 10.98 21.07 -8.06
C ALA A 69 9.52 20.94 -7.62
N GLU A 70 8.67 20.45 -8.50
CA GLU A 70 7.26 20.29 -8.18
C GLU A 70 7.07 19.21 -7.10
N LEU A 71 7.86 18.15 -7.17
CA LEU A 71 7.80 17.07 -6.20
C LEU A 71 8.29 17.53 -4.83
N LYS A 72 9.48 18.14 -4.78
CA LYS A 72 10.02 18.64 -3.51
C LYS A 72 9.02 19.61 -2.93
N SER A 73 8.45 20.44 -3.78
CA SER A 73 7.46 21.40 -3.34
C SER A 73 6.22 20.71 -2.79
N LEU A 74 5.77 19.64 -3.43
CA LEU A 74 4.59 18.94 -2.94
C LEU A 74 4.89 18.33 -1.58
N ILE A 75 6.08 17.75 -1.46
CA ILE A 75 6.49 17.12 -0.22
C ILE A 75 6.58 18.14 0.89
N GLY A 76 7.19 19.28 0.59
CA GLY A 76 7.32 20.33 1.60
C GLY A 76 5.98 20.81 2.12
N ALA A 77 5.00 20.93 1.23
CA ALA A 77 3.68 21.36 1.64
C ALA A 77 3.07 20.27 2.52
N LEU A 78 3.47 19.02 2.29
CA LEU A 78 2.94 17.92 3.09
C LEU A 78 3.54 18.01 4.48
N HIS A 79 4.85 18.25 4.53
CA HIS A 79 5.54 18.37 5.81
C HIS A 79 5.04 19.58 6.57
N GLY A 80 4.58 20.59 5.85
CA GLY A 80 4.07 21.78 6.50
C GLY A 80 2.82 21.51 7.31
N LYS A 81 2.06 20.49 6.90
CA LYS A 81 0.82 20.14 7.58
C LYS A 81 1.00 18.96 8.53
N GLY A 82 2.24 18.54 8.72
CA GLY A 82 2.50 17.43 9.62
C GLY A 82 2.24 16.10 8.95
N VAL A 83 2.05 16.12 7.63
CA VAL A 83 1.81 14.89 6.87
C VAL A 83 3.07 14.42 6.16
N GLN A 84 3.46 13.17 6.43
CA GLN A 84 4.66 12.56 5.83
C GLN A 84 4.48 12.12 4.38
N ALA A 85 5.61 11.92 3.70
CA ALA A 85 5.60 11.50 2.31
C ALA A 85 6.19 10.10 2.13
N ILE A 86 5.47 9.25 1.39
CA ILE A 86 5.91 7.89 1.12
C ILE A 86 6.16 7.73 -0.38
N ALA A 87 7.37 7.31 -0.74
CA ALA A 87 7.72 7.12 -2.14
C ALA A 87 7.46 5.68 -2.58
N ASP A 88 6.99 5.51 -3.81
CA ASP A 88 6.72 4.18 -4.34
C ASP A 88 8.05 3.66 -4.88
N ILE A 89 8.69 2.78 -4.12
CA ILE A 89 9.98 2.22 -4.47
C ILE A 89 9.90 1.01 -5.35
N VAL A 90 10.36 1.13 -6.60
CA VAL A 90 10.33 0.01 -7.54
C VAL A 90 11.75 -0.45 -7.89
N ILE A 91 12.22 -1.51 -7.23
CA ILE A 91 13.58 -2.02 -7.48
C ILE A 91 13.66 -3.49 -7.86
N ASN A 92 12.54 -4.18 -7.92
CA ASN A 92 12.61 -5.57 -8.32
C ASN A 92 13.18 -5.66 -9.71
N HIS A 93 12.79 -4.71 -10.55
CA HIS A 93 13.26 -4.67 -11.92
C HIS A 93 13.67 -3.27 -12.30
N ARG A 94 14.18 -3.12 -13.51
CA ARG A 94 14.63 -1.83 -13.97
C ARG A 94 14.94 -2.00 -15.43
N CYS A 95 14.81 -0.91 -16.20
CA CYS A 95 15.10 -0.99 -17.63
C CYS A 95 16.43 -0.38 -18.02
N ALA A 96 17.05 -0.96 -19.04
CA ALA A 96 18.34 -0.48 -19.56
C ALA A 96 18.09 0.57 -20.64
N ASP A 97 18.99 1.55 -20.72
CA ASP A 97 18.84 2.60 -21.71
C ASP A 97 19.65 2.31 -22.96
N TYR A 98 20.84 1.75 -22.75
CA TYR A 98 21.70 1.44 -23.86
C TYR A 98 21.81 -0.05 -24.11
N LYS A 99 22.07 -0.41 -25.36
CA LYS A 99 22.26 -1.80 -25.74
C LYS A 99 23.76 -2.09 -25.67
N ASP A 100 24.13 -3.36 -25.79
CA ASP A 100 25.54 -3.75 -25.77
C ASP A 100 25.82 -4.60 -26.99
N SER A 101 27.08 -5.02 -27.16
CA SER A 101 27.48 -5.81 -28.31
C SER A 101 26.46 -6.89 -28.72
N ARG A 102 25.68 -7.38 -27.77
CA ARG A 102 24.67 -8.39 -28.04
C ARG A 102 23.41 -7.80 -28.66
N GLY A 103 23.29 -6.47 -28.58
CA GLY A 103 22.11 -5.79 -29.11
C GLY A 103 20.97 -5.83 -28.11
N ILE A 104 21.27 -6.31 -26.91
CA ILE A 104 20.26 -6.41 -25.86
C ILE A 104 20.33 -5.19 -24.93
N TYR A 105 19.17 -4.63 -24.59
CA TYR A 105 19.15 -3.51 -23.69
C TYR A 105 19.47 -4.04 -22.30
N CYS A 106 20.72 -3.85 -21.88
CA CYS A 106 21.15 -4.29 -20.56
C CYS A 106 22.27 -3.44 -19.95
N ILE A 107 22.57 -2.30 -20.55
CA ILE A 107 23.57 -1.41 -19.96
C ILE A 107 22.71 -0.25 -19.44
N PHE A 108 22.69 -0.09 -18.13
CA PHE A 108 21.89 0.94 -17.50
C PHE A 108 22.60 2.27 -17.29
N GLU A 109 21.83 3.30 -17.01
CA GLU A 109 22.30 4.67 -16.75
C GLU A 109 21.52 5.21 -15.55
N GLY A 110 22.23 5.56 -14.49
CA GLY A 110 21.59 6.06 -13.30
C GLY A 110 20.88 7.39 -13.48
N GLY A 111 21.42 8.23 -14.36
CA GLY A 111 20.81 9.51 -14.60
C GLY A 111 21.67 10.66 -14.14
N THR A 112 22.90 10.36 -13.74
CA THR A 112 23.85 11.38 -13.29
C THR A 112 25.03 11.41 -14.24
N SER A 113 26.10 12.07 -13.82
CA SER A 113 27.30 12.18 -14.61
C SER A 113 28.17 10.94 -14.41
N ASP A 114 28.63 10.72 -13.17
CA ASP A 114 29.48 9.58 -12.84
C ASP A 114 28.86 8.23 -13.21
N GLY A 115 29.46 7.14 -12.72
CA GLY A 115 28.97 5.81 -13.03
C GLY A 115 27.87 5.21 -12.18
N ARG A 116 27.35 5.96 -11.22
CA ARG A 116 26.29 5.44 -10.35
C ARG A 116 25.16 4.78 -11.13
N LEU A 117 24.75 3.62 -10.64
CA LEU A 117 23.68 2.85 -11.25
C LEU A 117 23.88 2.59 -12.75
N ASP A 118 25.12 2.77 -13.24
CA ASP A 118 25.40 2.49 -14.65
C ASP A 118 25.80 1.04 -14.80
N TRP A 119 24.95 0.16 -14.31
CA TRP A 119 25.18 -1.27 -14.34
C TRP A 119 25.22 -1.86 -15.73
N GLY A 120 25.54 -3.16 -15.79
CA GLY A 120 25.57 -3.88 -17.04
C GLY A 120 24.83 -5.17 -16.82
N PRO A 121 24.96 -6.15 -17.71
CA PRO A 121 24.26 -7.43 -17.53
C PRO A 121 24.71 -8.26 -16.30
N HIS A 122 25.88 -7.94 -15.74
CA HIS A 122 26.34 -8.68 -14.56
C HIS A 122 25.40 -8.42 -13.37
N MET A 123 24.62 -7.37 -13.48
CA MET A 123 23.67 -7.00 -12.42
C MET A 123 22.25 -7.54 -12.62
N ILE A 124 22.05 -8.40 -13.61
CA ILE A 124 20.74 -8.98 -13.85
C ILE A 124 20.72 -10.43 -13.41
N CYS A 125 19.74 -10.80 -12.59
CA CYS A 125 19.61 -12.18 -12.12
C CYS A 125 19.87 -13.07 -13.32
N ARG A 126 20.80 -14.03 -13.19
CA ARG A 126 21.14 -14.85 -14.32
C ARG A 126 20.00 -15.69 -14.87
N ASP A 127 19.05 -16.06 -14.02
CA ASP A 127 17.93 -16.86 -14.49
C ASP A 127 16.92 -16.04 -15.30
N ASP A 128 17.17 -14.73 -15.39
CA ASP A 128 16.33 -13.87 -16.22
C ASP A 128 17.10 -13.94 -17.51
N THR A 129 17.04 -15.12 -18.15
CA THR A 129 17.76 -15.39 -19.38
C THR A 129 17.66 -14.31 -20.47
N LYS A 130 16.50 -13.68 -20.59
CA LYS A 130 16.28 -12.66 -21.60
C LYS A 130 17.23 -11.46 -21.61
N TYR A 131 17.84 -11.14 -20.47
CA TYR A 131 18.74 -9.99 -20.40
C TYR A 131 20.13 -10.22 -19.82
N SER A 132 20.23 -11.17 -18.89
CA SER A 132 21.50 -11.47 -18.24
C SER A 132 22.51 -12.11 -19.18
N ASP A 133 23.75 -12.21 -18.72
CA ASP A 133 24.80 -12.84 -19.48
C ASP A 133 25.28 -14.06 -18.69
N GLY A 134 24.46 -14.45 -17.71
CA GLY A 134 24.76 -15.61 -16.87
C GLY A 134 25.85 -15.48 -15.81
N THR A 135 26.27 -14.26 -15.50
CA THR A 135 27.32 -14.11 -14.50
C THR A 135 26.78 -13.83 -13.11
N ALA A 136 25.55 -13.34 -13.06
CA ALA A 136 24.91 -12.97 -11.80
C ALA A 136 24.35 -14.11 -10.94
N ASN A 137 23.85 -13.73 -9.77
CA ASN A 137 23.24 -14.66 -8.84
C ASN A 137 21.82 -14.99 -9.34
N LEU A 138 21.20 -16.00 -8.74
CA LEU A 138 19.86 -16.37 -9.12
C LEU A 138 18.93 -15.36 -8.46
N ASP A 139 17.82 -15.08 -9.11
CA ASP A 139 16.85 -14.15 -8.57
C ASP A 139 16.43 -14.66 -7.19
N THR A 140 16.41 -13.78 -6.19
CA THR A 140 16.01 -14.17 -4.85
C THR A 140 14.50 -14.19 -4.73
N GLY A 141 13.81 -13.75 -5.76
CA GLY A 141 12.35 -13.75 -5.71
C GLY A 141 11.72 -14.00 -7.07
N ALA A 142 10.43 -13.71 -7.20
CA ALA A 142 9.71 -13.91 -8.45
C ALA A 142 10.22 -12.96 -9.51
N ASP A 143 10.07 -13.35 -10.77
CA ASP A 143 10.52 -12.53 -11.89
C ASP A 143 9.42 -11.63 -12.44
N PHE A 144 9.84 -10.52 -13.04
CA PHE A 144 8.91 -9.60 -13.69
C PHE A 144 9.15 -9.79 -15.18
N ALA A 145 8.18 -10.40 -15.84
CA ALA A 145 8.27 -10.70 -17.27
C ALA A 145 8.71 -9.60 -18.21
N ALA A 146 8.12 -8.41 -18.09
CA ALA A 146 8.45 -7.32 -18.98
C ALA A 146 9.75 -6.53 -18.79
N ALA A 147 10.58 -6.88 -17.80
CA ALA A 147 11.83 -6.14 -17.62
C ALA A 147 12.95 -6.93 -16.94
N PRO A 148 14.19 -6.40 -16.96
CA PRO A 148 15.27 -7.14 -16.31
C PRO A 148 15.08 -7.15 -14.82
N ASP A 149 15.28 -8.30 -14.19
CA ASP A 149 15.19 -8.37 -12.74
C ASP A 149 16.60 -8.12 -12.19
N ILE A 150 16.70 -7.21 -11.25
CA ILE A 150 17.98 -6.88 -10.65
C ILE A 150 18.39 -7.96 -9.67
N ASP A 151 19.68 -8.28 -9.66
CA ASP A 151 20.24 -9.28 -8.76
C ASP A 151 20.64 -8.56 -7.48
N HIS A 152 19.72 -8.49 -6.52
CA HIS A 152 19.95 -7.80 -5.26
C HIS A 152 20.98 -8.44 -4.35
N LEU A 153 21.57 -9.54 -4.79
CA LEU A 153 22.59 -10.21 -4.00
C LEU A 153 23.95 -9.59 -4.33
N ASN A 154 24.01 -8.83 -5.42
CA ASN A 154 25.25 -8.19 -5.81
C ASN A 154 25.55 -6.99 -4.90
N ASP A 155 26.76 -6.98 -4.32
CA ASP A 155 27.23 -5.92 -3.41
C ASP A 155 27.04 -4.48 -3.89
N ARG A 156 27.49 -4.17 -5.11
CA ARG A 156 27.37 -2.82 -5.67
C ARG A 156 25.90 -2.42 -5.86
N VAL A 157 25.05 -3.40 -6.17
CA VAL A 157 23.63 -3.11 -6.33
C VAL A 157 23.08 -2.63 -5.00
N GLN A 158 23.30 -3.43 -3.96
CA GLN A 158 22.83 -3.10 -2.62
C GLN A 158 23.37 -1.78 -2.12
N ARG A 159 24.65 -1.51 -2.40
CA ARG A 159 25.23 -0.27 -1.94
C ARG A 159 24.74 0.92 -2.75
N GLU A 160 24.60 0.74 -4.07
CA GLU A 160 24.16 1.85 -4.91
C GLU A 160 22.65 2.15 -4.83
N LEU A 161 21.83 1.18 -4.45
CA LEU A 161 20.40 1.45 -4.31
C LEU A 161 20.19 2.12 -2.97
N LYS A 162 20.92 1.66 -1.95
CA LYS A 162 20.84 2.26 -0.63
C LYS A 162 21.23 3.73 -0.75
N GLU A 163 22.19 4.02 -1.64
CA GLU A 163 22.64 5.40 -1.85
C GLU A 163 21.48 6.17 -2.48
N TRP A 164 20.98 5.68 -3.61
CA TRP A 164 19.86 6.31 -4.29
C TRP A 164 18.74 6.58 -3.30
N LEU A 165 18.36 5.57 -2.54
CA LEU A 165 17.29 5.71 -1.57
C LEU A 165 17.54 6.84 -0.58
N LEU A 166 18.72 6.87 0.04
CA LEU A 166 19.05 7.92 1.01
C LEU A 166 18.93 9.29 0.35
N TRP A 167 19.35 9.39 -0.90
CA TRP A 167 19.26 10.63 -1.65
C TRP A 167 17.79 11.09 -1.76
N LEU A 168 16.88 10.16 -2.05
CA LEU A 168 15.46 10.51 -2.17
C LEU A 168 15.01 11.19 -0.88
N LYS A 169 15.47 10.67 0.25
CA LYS A 169 15.10 11.24 1.54
C LYS A 169 15.70 12.62 1.77
N SER A 170 17.02 12.72 1.59
CA SER A 170 17.77 13.98 1.79
C SER A 170 17.52 15.11 0.80
N ASP A 171 17.57 14.80 -0.50
CA ASP A 171 17.35 15.81 -1.54
C ASP A 171 15.89 16.07 -1.84
N LEU A 172 15.05 15.04 -1.81
CA LEU A 172 13.64 15.24 -2.11
C LEU A 172 12.74 15.38 -0.90
N GLY A 173 13.13 14.78 0.22
CA GLY A 173 12.34 14.87 1.43
C GLY A 173 11.42 13.71 1.75
N PHE A 174 11.61 12.57 1.08
CA PHE A 174 10.77 11.41 1.35
C PHE A 174 11.04 10.85 2.74
N ASP A 175 9.97 10.44 3.40
CA ASP A 175 10.04 9.89 4.75
C ASP A 175 10.10 8.36 4.79
N ALA A 176 9.18 7.72 4.06
CA ALA A 176 9.09 6.27 4.07
C ALA A 176 8.98 5.67 2.67
N TRP A 177 8.91 4.35 2.61
CA TRP A 177 8.84 3.63 1.35
C TRP A 177 7.61 2.73 1.19
N ARG A 178 7.25 2.47 -0.06
CA ARG A 178 6.17 1.54 -0.39
C ARG A 178 6.92 0.64 -1.35
N LEU A 179 7.17 -0.61 -0.94
CA LEU A 179 7.94 -1.51 -1.79
C LEU A 179 7.13 -2.25 -2.85
N ASP A 180 7.20 -1.77 -4.08
CA ASP A 180 6.48 -2.40 -5.19
C ASP A 180 6.98 -3.80 -5.49
N PHE A 181 6.03 -4.68 -5.81
CA PHE A 181 6.31 -6.07 -6.17
C PHE A 181 7.36 -6.71 -5.27
N ALA A 182 7.10 -6.65 -3.97
CA ALA A 182 8.01 -7.19 -2.97
C ALA A 182 8.13 -8.71 -3.02
N ARG A 183 7.27 -9.39 -3.78
CA ARG A 183 7.43 -10.85 -3.84
C ARG A 183 8.50 -11.07 -4.91
N GLY A 184 8.92 -9.97 -5.53
CA GLY A 184 9.93 -9.99 -6.56
C GLY A 184 11.32 -10.33 -6.04
N TYR A 185 11.59 -10.01 -4.77
CA TYR A 185 12.86 -10.33 -4.12
C TYR A 185 12.64 -10.79 -2.67
N SER A 186 13.64 -11.41 -2.06
CA SER A 186 13.49 -11.95 -0.72
C SER A 186 13.29 -10.96 0.41
N PRO A 187 12.59 -11.37 1.47
CA PRO A 187 12.39 -10.46 2.59
C PRO A 187 13.74 -10.13 3.22
N GLU A 188 14.71 -11.01 3.02
CA GLU A 188 16.05 -10.77 3.55
C GLU A 188 16.72 -9.67 2.72
N MET A 189 16.28 -9.53 1.47
CA MET A 189 16.86 -8.49 0.60
C MET A 189 16.20 -7.16 0.89
N ALA A 190 14.93 -7.18 1.29
CA ALA A 190 14.21 -5.97 1.61
C ALA A 190 14.77 -5.44 2.92
N LYS A 191 15.08 -6.36 3.82
CA LYS A 191 15.64 -6.01 5.12
C LYS A 191 16.89 -5.15 4.94
N VAL A 192 17.73 -5.53 3.98
CA VAL A 192 18.95 -4.78 3.71
C VAL A 192 18.66 -3.32 3.38
N TYR A 193 17.67 -3.11 2.53
CA TYR A 193 17.29 -1.78 2.10
C TYR A 193 16.58 -0.99 3.20
N ILE A 194 15.67 -1.64 3.92
CA ILE A 194 14.94 -0.98 4.99
C ILE A 194 15.89 -0.58 6.13
N ASP A 195 16.75 -1.51 6.52
CA ASP A 195 17.70 -1.24 7.60
C ASP A 195 18.73 -0.20 7.18
N GLY A 196 19.16 -0.26 5.94
CA GLY A 196 20.15 0.69 5.46
C GLY A 196 19.68 2.12 5.22
N THR A 197 18.39 2.38 5.37
CA THR A 197 17.89 3.73 5.14
C THR A 197 16.97 4.21 6.24
N SER A 198 16.68 3.33 7.19
CA SER A 198 15.82 3.65 8.32
C SER A 198 14.69 4.64 8.02
N PRO A 199 13.59 4.16 7.43
CA PRO A 199 12.44 5.01 7.10
C PRO A 199 11.39 4.97 8.21
N SER A 200 10.53 5.98 8.24
CA SER A 200 9.48 6.01 9.26
C SER A 200 8.69 4.71 9.11
N LEU A 201 8.52 4.26 7.88
CA LEU A 201 7.82 3.01 7.61
C LEU A 201 8.17 2.50 6.21
N ALA A 202 7.80 1.26 5.92
CA ALA A 202 8.06 0.64 4.63
C ALA A 202 7.02 -0.45 4.44
N VAL A 203 5.91 -0.10 3.79
CA VAL A 203 4.87 -1.08 3.58
C VAL A 203 5.11 -1.79 2.24
N ALA A 204 5.24 -3.10 2.29
CA ALA A 204 5.52 -3.86 1.09
C ALA A 204 4.29 -4.49 0.46
N GLU A 205 4.19 -4.37 -0.85
CA GLU A 205 3.10 -4.97 -1.59
C GLU A 205 3.51 -6.42 -1.84
N VAL A 206 3.11 -7.32 -0.95
CA VAL A 206 3.41 -8.74 -1.09
C VAL A 206 2.06 -9.33 -1.46
N TRP A 207 1.84 -9.48 -2.76
CA TRP A 207 0.56 -9.96 -3.22
C TRP A 207 0.56 -11.30 -3.89
N ASP A 208 0.07 -12.30 -3.16
CA ASP A 208 -0.05 -13.66 -3.67
C ASP A 208 -1.54 -13.95 -3.87
N ASN A 209 -1.85 -14.93 -4.70
CA ASN A 209 -3.25 -15.29 -4.95
C ASN A 209 -3.94 -15.89 -3.71
N MET A 210 -5.24 -15.63 -3.57
CA MET A 210 -6.00 -16.17 -2.43
C MET A 210 -6.53 -17.56 -2.79
N ALA A 211 -6.76 -18.39 -1.78
CA ALA A 211 -7.29 -19.73 -1.98
C ALA A 211 -8.79 -19.63 -2.31
N THR A 212 -9.17 -20.03 -3.53
CA THR A 212 -10.57 -19.97 -3.97
C THR A 212 -11.19 -21.35 -4.25
N GLY A 213 -12.49 -21.35 -4.52
CA GLY A 213 -13.19 -22.60 -4.81
C GLY A 213 -13.64 -22.73 -6.25
N GLY A 214 -14.38 -23.80 -6.55
CA GLY A 214 -14.86 -24.04 -7.90
C GLY A 214 -15.73 -22.95 -8.47
N ASP A 215 -16.56 -22.35 -7.64
CA ASP A 215 -17.44 -21.27 -8.07
C ASP A 215 -16.67 -19.97 -8.29
N GLY A 216 -15.49 -19.88 -7.67
CA GLY A 216 -14.65 -18.70 -7.83
C GLY A 216 -14.59 -17.69 -6.69
N LYS A 217 -15.02 -18.07 -5.49
CA LYS A 217 -14.99 -17.15 -4.35
C LYS A 217 -13.86 -17.57 -3.42
N PRO A 218 -13.36 -16.65 -2.58
CA PRO A 218 -12.28 -17.03 -1.68
C PRO A 218 -12.84 -17.97 -0.62
N ASN A 219 -11.99 -18.88 -0.13
CA ASN A 219 -12.43 -19.81 0.89
C ASN A 219 -12.53 -19.00 2.17
N TYR A 220 -13.27 -19.53 3.13
CA TYR A 220 -13.43 -18.87 4.42
C TYR A 220 -12.09 -18.79 5.14
N ASP A 221 -11.36 -19.89 5.15
CA ASP A 221 -10.06 -19.93 5.81
C ASP A 221 -9.00 -19.33 4.90
N GLN A 222 -8.31 -18.31 5.39
CA GLN A 222 -7.25 -17.66 4.62
C GLN A 222 -5.98 -17.55 5.44
N ASP A 223 -5.78 -18.51 6.32
CA ASP A 223 -4.63 -18.54 7.21
C ASP A 223 -3.28 -18.72 6.51
N ALA A 224 -3.24 -19.52 5.45
CA ALA A 224 -1.98 -19.70 4.76
C ALA A 224 -1.65 -18.41 4.01
N HIS A 225 -2.68 -17.78 3.45
CA HIS A 225 -2.50 -16.53 2.72
C HIS A 225 -1.99 -15.44 3.65
N ARG A 226 -2.51 -15.38 4.87
CA ARG A 226 -2.02 -14.38 5.81
C ARG A 226 -0.76 -14.81 6.54
N GLN A 227 -0.51 -16.12 6.63
CA GLN A 227 0.70 -16.60 7.31
C GLN A 227 1.94 -16.19 6.50
N ASN A 228 1.78 -16.16 5.17
CA ASN A 228 2.87 -15.78 4.28
C ASN A 228 3.25 -14.32 4.44
N LEU A 229 2.24 -13.47 4.64
CA LEU A 229 2.51 -12.05 4.81
C LEU A 229 3.20 -11.86 6.15
N VAL A 230 2.73 -12.58 7.16
CA VAL A 230 3.31 -12.49 8.50
C VAL A 230 4.74 -13.00 8.51
N ASN A 231 5.01 -14.04 7.72
CA ASN A 231 6.35 -14.60 7.66
C ASN A 231 7.31 -13.63 6.97
N TRP A 232 6.79 -12.85 6.03
CA TRP A 232 7.62 -11.88 5.33
C TRP A 232 8.12 -10.86 6.35
N VAL A 233 7.18 -10.38 7.17
CA VAL A 233 7.49 -9.41 8.21
C VAL A 233 8.49 -10.03 9.19
N ASP A 234 8.28 -11.29 9.53
CA ASP A 234 9.18 -11.95 10.46
C ASP A 234 10.60 -12.02 9.89
N LYS A 235 10.72 -12.46 8.65
CA LYS A 235 12.02 -12.57 8.01
C LYS A 235 12.64 -11.21 7.79
N VAL A 236 11.81 -10.20 7.57
CA VAL A 236 12.31 -8.86 7.34
C VAL A 236 12.88 -8.24 8.61
N GLY A 237 12.48 -8.79 9.76
CA GLY A 237 12.97 -8.26 11.03
C GLY A 237 11.92 -8.16 12.13
N GLY A 238 10.69 -8.53 11.80
CA GLY A 238 9.61 -8.49 12.77
C GLY A 238 9.30 -7.13 13.36
N ALA A 239 9.39 -7.04 14.68
CA ALA A 239 9.10 -5.80 15.40
C ALA A 239 10.27 -4.82 15.37
N ALA A 240 11.48 -5.35 15.18
CA ALA A 240 12.64 -4.48 15.14
C ALA A 240 12.71 -3.69 13.84
N SER A 241 12.01 -4.19 12.82
CA SER A 241 12.03 -3.54 11.51
C SER A 241 10.81 -2.66 11.23
N ALA A 242 11.03 -1.62 10.43
CA ALA A 242 9.98 -0.68 10.03
C ALA A 242 9.08 -1.29 8.95
N GLY A 243 9.42 -2.49 8.51
CA GLY A 243 8.66 -3.15 7.48
C GLY A 243 7.24 -3.47 7.90
N MET A 244 6.32 -3.47 6.93
CA MET A 244 4.90 -3.77 7.16
C MET A 244 4.38 -4.34 5.85
N VAL A 245 3.10 -4.73 5.82
CA VAL A 245 2.53 -5.30 4.59
C VAL A 245 1.06 -4.95 4.33
N PHE A 246 0.70 -4.82 3.07
CA PHE A 246 -0.68 -4.55 2.72
C PHE A 246 -1.52 -5.78 3.06
N ASP A 247 -2.63 -5.55 3.74
CA ASP A 247 -3.50 -6.66 4.11
C ASP A 247 -4.32 -7.07 2.90
N PHE A 248 -3.73 -7.90 2.04
CA PHE A 248 -4.43 -8.38 0.87
C PHE A 248 -5.41 -9.46 1.33
N THR A 249 -5.13 -10.05 2.48
CA THR A 249 -6.00 -11.08 3.03
C THR A 249 -7.32 -10.41 3.35
N THR A 250 -7.26 -9.31 4.09
CA THR A 250 -8.46 -8.57 4.46
C THR A 250 -9.14 -8.00 3.22
N LYS A 251 -8.34 -7.44 2.32
CA LYS A 251 -8.89 -6.88 1.10
C LYS A 251 -9.66 -7.98 0.38
N GLY A 252 -9.01 -9.13 0.17
CA GLY A 252 -9.66 -10.23 -0.51
C GLY A 252 -10.94 -10.72 0.16
N ILE A 253 -10.91 -10.89 1.47
CA ILE A 253 -12.06 -11.36 2.24
C ILE A 253 -13.21 -10.36 2.24
N LEU A 254 -12.91 -9.12 2.62
CA LEU A 254 -13.89 -8.06 2.66
C LEU A 254 -14.59 -7.89 1.31
N ASN A 255 -13.84 -8.04 0.23
CA ASN A 255 -14.37 -7.92 -1.12
C ASN A 255 -15.56 -8.87 -1.36
N ALA A 256 -15.54 -10.00 -0.68
CA ALA A 256 -16.60 -10.98 -0.83
C ALA A 256 -17.56 -10.94 0.35
N ALA A 257 -17.06 -10.49 1.50
CA ALA A 257 -17.92 -10.43 2.67
C ALA A 257 -19.08 -9.45 2.51
N VAL A 258 -18.82 -8.26 1.97
CA VAL A 258 -19.90 -7.28 1.80
C VAL A 258 -20.88 -7.70 0.73
N GLU A 259 -20.70 -8.91 0.20
CA GLU A 259 -21.61 -9.40 -0.81
C GLU A 259 -22.65 -10.31 -0.18
N GLY A 260 -23.17 -9.86 0.96
CA GLY A 260 -24.16 -10.62 1.68
C GLY A 260 -23.55 -11.81 2.39
N GLU A 261 -22.29 -11.70 2.77
CA GLU A 261 -21.60 -12.80 3.47
C GLU A 261 -20.66 -12.30 4.54
N LEU A 262 -21.18 -11.43 5.40
CA LEU A 262 -20.36 -10.86 6.46
C LEU A 262 -19.95 -11.84 7.55
N TRP A 263 -20.32 -13.10 7.41
CA TRP A 263 -19.91 -14.08 8.41
C TRP A 263 -18.44 -14.37 8.15
N ARG A 264 -17.96 -13.93 6.98
CA ARG A 264 -16.57 -14.13 6.60
C ARG A 264 -15.62 -13.26 7.43
N LEU A 265 -16.14 -12.16 7.97
CA LEU A 265 -15.31 -11.22 8.73
C LEU A 265 -14.84 -11.63 10.12
N ILE A 266 -14.92 -12.91 10.43
CA ILE A 266 -14.47 -13.41 11.74
C ILE A 266 -13.95 -14.84 11.57
N ASP A 267 -12.80 -15.15 12.17
CA ASP A 267 -12.24 -16.49 12.05
C ASP A 267 -12.54 -17.36 13.27
N PRO A 268 -12.27 -18.68 13.17
CA PRO A 268 -12.50 -19.64 14.26
C PRO A 268 -12.07 -19.19 15.67
N GLN A 269 -10.89 -18.61 15.78
CA GLN A 269 -10.40 -18.14 17.07
C GLN A 269 -11.14 -16.85 17.48
N GLY A 270 -12.09 -16.42 16.65
CA GLY A 270 -12.84 -15.21 16.96
C GLY A 270 -12.15 -13.91 16.58
N LYS A 271 -10.92 -13.99 16.10
CA LYS A 271 -10.16 -12.81 15.69
C LYS A 271 -10.51 -12.34 14.27
N ALA A 272 -9.90 -11.22 13.85
CA ALA A 272 -10.13 -10.68 12.51
C ALA A 272 -9.49 -11.65 11.51
N PRO A 273 -10.22 -11.98 10.44
CA PRO A 273 -9.70 -12.92 9.43
C PRO A 273 -8.35 -12.57 8.79
N GLY A 274 -8.23 -11.35 8.26
CA GLY A 274 -6.97 -10.95 7.62
C GLY A 274 -5.79 -10.83 8.56
N VAL A 275 -4.71 -10.25 8.06
CA VAL A 275 -3.48 -10.04 8.84
C VAL A 275 -3.78 -9.16 10.06
N MET A 276 -4.88 -8.43 9.97
CA MET A 276 -5.32 -7.56 11.04
C MET A 276 -5.42 -8.37 12.34
N GLY A 277 -6.16 -9.48 12.29
CA GLY A 277 -6.35 -10.33 13.45
C GLY A 277 -5.12 -11.00 14.07
N TRP A 278 -4.05 -11.17 13.32
CA TRP A 278 -2.84 -11.81 13.87
C TRP A 278 -1.72 -10.82 14.16
N TRP A 279 -1.61 -9.77 13.35
CA TRP A 279 -0.56 -8.77 13.53
C TRP A 279 -1.04 -7.43 12.95
N PRO A 280 -2.00 -6.78 13.63
CA PRO A 280 -2.54 -5.50 13.19
C PRO A 280 -1.51 -4.38 13.05
N ALA A 281 -0.55 -4.33 13.97
CA ALA A 281 0.49 -3.30 13.97
C ALA A 281 1.34 -3.33 12.70
N LYS A 282 1.27 -4.44 11.97
CA LYS A 282 2.06 -4.58 10.76
C LYS A 282 1.18 -4.58 9.52
N ALA A 283 -0.12 -4.44 9.71
CA ALA A 283 -1.03 -4.47 8.59
C ALA A 283 -1.55 -3.13 8.10
N VAL A 284 -1.36 -2.85 6.82
CA VAL A 284 -1.89 -1.62 6.25
C VAL A 284 -3.12 -2.07 5.48
N THR A 285 -4.29 -1.74 6.00
CA THR A 285 -5.54 -2.15 5.36
C THR A 285 -5.97 -1.14 4.30
N PHE A 286 -6.78 -1.61 3.36
CA PHE A 286 -7.26 -0.74 2.29
C PHE A 286 -8.48 -1.29 1.57
N VAL A 287 -9.20 -0.41 0.87
CA VAL A 287 -10.37 -0.81 0.12
C VAL A 287 -9.93 -1.12 -1.31
N ASP A 288 -9.16 -0.22 -1.90
CA ASP A 288 -8.62 -0.40 -3.25
C ASP A 288 -7.35 0.42 -3.41
N ASN A 289 -6.63 0.17 -4.49
CA ASN A 289 -5.40 0.90 -4.81
C ASN A 289 -5.36 1.10 -6.33
N HIS A 290 -4.23 1.52 -6.88
CA HIS A 290 -4.15 1.77 -8.32
C HIS A 290 -4.28 0.51 -9.18
N ASP A 291 -3.99 -0.65 -8.60
CA ASP A 291 -4.10 -1.92 -9.32
C ASP A 291 -5.51 -2.52 -9.18
N THR A 292 -5.91 -2.81 -7.94
CA THR A 292 -7.21 -3.40 -7.66
C THR A 292 -8.35 -2.50 -8.15
N GLY A 293 -8.27 -1.23 -7.80
CA GLY A 293 -9.30 -0.28 -8.21
C GLY A 293 -8.91 0.49 -9.45
N SER A 294 -9.25 1.78 -9.47
CA SER A 294 -8.97 2.68 -10.58
C SER A 294 -9.36 2.11 -11.95
N THR A 295 -8.71 2.61 -13.00
CA THR A 295 -8.98 2.18 -14.35
C THR A 295 -8.34 0.85 -14.67
N GLN A 296 -7.66 0.26 -13.69
CA GLN A 296 -7.02 -1.03 -13.92
C GLN A 296 -7.96 -2.14 -13.43
N ALA A 297 -8.73 -1.82 -12.39
CA ALA A 297 -9.72 -2.72 -11.80
C ALA A 297 -9.41 -4.20 -11.93
N MET A 298 -8.38 -4.66 -11.25
CA MET A 298 -8.02 -6.07 -11.31
C MET A 298 -8.77 -6.84 -10.23
N TRP A 299 -9.24 -6.11 -9.23
CA TRP A 299 -9.93 -6.74 -8.11
C TRP A 299 -10.71 -5.65 -7.39
N PRO A 300 -11.57 -4.93 -8.11
CA PRO A 300 -12.33 -3.84 -7.50
C PRO A 300 -13.28 -4.26 -6.39
N PHE A 301 -13.46 -3.34 -5.45
CA PHE A 301 -14.36 -3.53 -4.31
C PHE A 301 -15.77 -3.35 -4.85
N PRO A 302 -16.75 -4.12 -4.34
CA PRO A 302 -18.11 -3.95 -4.84
C PRO A 302 -18.43 -2.45 -4.85
N SER A 303 -18.36 -1.86 -6.04
CA SER A 303 -18.61 -0.43 -6.23
C SER A 303 -19.64 0.16 -5.29
N ASP A 304 -20.80 -0.46 -5.32
CA ASP A 304 -21.98 -0.07 -4.53
C ASP A 304 -21.82 -0.09 -3.00
N LYS A 305 -20.71 -0.59 -2.48
CA LYS A 305 -20.58 -0.65 -1.03
C LYS A 305 -19.21 -0.30 -0.51
N VAL A 306 -18.58 0.71 -1.12
CA VAL A 306 -17.26 1.18 -0.72
C VAL A 306 -17.21 1.74 0.69
N MET A 307 -18.28 2.42 1.10
CA MET A 307 -18.31 3.01 2.43
C MET A 307 -18.28 1.99 3.56
N GLN A 308 -18.92 0.85 3.37
CA GLN A 308 -18.88 -0.18 4.41
C GLN A 308 -17.41 -0.54 4.50
N GLY A 309 -16.76 -0.52 3.34
CA GLY A 309 -15.35 -0.83 3.28
C GLY A 309 -14.56 0.08 4.21
N TYR A 310 -14.79 1.38 4.11
CA TYR A 310 -14.10 2.35 4.96
C TYR A 310 -14.64 2.28 6.38
N ALA A 311 -15.94 2.01 6.51
CA ALA A 311 -16.55 1.88 7.82
C ALA A 311 -15.68 0.87 8.57
N TYR A 312 -15.41 -0.24 7.90
CA TYR A 312 -14.58 -1.29 8.47
C TYR A 312 -13.16 -0.83 8.83
N ILE A 313 -12.32 -0.65 7.82
CA ILE A 313 -10.93 -0.27 8.04
C ILE A 313 -10.65 1.01 8.80
N LEU A 314 -11.55 1.98 8.69
CA LEU A 314 -11.32 3.25 9.37
C LEU A 314 -11.65 3.17 10.85
N THR A 315 -12.41 2.16 11.24
CA THR A 315 -12.80 2.00 12.63
C THR A 315 -12.12 0.83 13.33
N HIS A 316 -11.50 -0.06 12.56
CA HIS A 316 -10.83 -1.24 13.10
C HIS A 316 -9.32 -1.14 13.29
N PRO A 317 -8.72 -2.15 13.94
CA PRO A 317 -7.28 -2.22 14.19
C PRO A 317 -6.55 -2.30 12.84
N GLY A 318 -5.23 -2.14 12.84
CA GLY A 318 -4.51 -2.17 11.58
C GLY A 318 -4.44 -0.74 11.06
N ILE A 319 -3.50 -0.47 10.15
CA ILE A 319 -3.32 0.87 9.60
C ILE A 319 -4.13 1.09 8.32
N PRO A 320 -5.14 1.97 8.39
CA PRO A 320 -6.00 2.25 7.24
C PRO A 320 -5.30 3.07 6.17
N CYS A 321 -5.61 2.77 4.91
CA CYS A 321 -5.02 3.52 3.80
C CYS A 321 -6.16 3.94 2.91
N ILE A 322 -6.43 5.23 2.86
CA ILE A 322 -7.52 5.75 2.04
C ILE A 322 -7.06 5.94 0.60
N PHE A 323 -7.94 5.61 -0.34
CA PHE A 323 -7.63 5.72 -1.76
C PHE A 323 -8.07 7.06 -2.34
N TYR A 324 -7.15 7.73 -3.02
CA TYR A 324 -7.44 9.03 -3.62
C TYR A 324 -8.83 9.16 -4.26
N ASP A 325 -9.17 8.27 -5.18
CA ASP A 325 -10.46 8.33 -5.86
C ASP A 325 -11.67 8.36 -4.95
N HIS A 326 -11.66 7.55 -3.90
CA HIS A 326 -12.80 7.49 -2.99
C HIS A 326 -12.93 8.78 -2.16
N PHE A 327 -11.80 9.40 -1.84
CA PHE A 327 -11.82 10.61 -1.03
C PHE A 327 -12.12 11.89 -1.82
N PHE A 328 -11.89 11.88 -3.13
CA PHE A 328 -12.14 13.06 -3.95
C PHE A 328 -13.09 12.88 -5.12
N ASN A 329 -12.91 11.80 -5.88
CA ASN A 329 -13.74 11.57 -7.05
C ASN A 329 -15.14 10.97 -6.86
N TRP A 330 -15.30 10.08 -5.88
CA TRP A 330 -16.59 9.43 -5.65
C TRP A 330 -17.58 10.26 -4.85
N GLY A 331 -17.08 11.09 -3.94
CA GLY A 331 -17.97 11.93 -3.16
C GLY A 331 -18.22 11.44 -1.74
N PHE A 332 -17.24 10.77 -1.16
CA PHE A 332 -17.36 10.25 0.21
C PHE A 332 -16.46 11.09 1.10
N LYS A 333 -15.91 12.14 0.53
CA LYS A 333 -15.01 13.04 1.23
C LYS A 333 -15.43 13.30 2.67
N ASP A 334 -16.64 13.81 2.84
CA ASP A 334 -17.16 14.11 4.17
C ASP A 334 -17.44 12.87 4.99
N GLN A 335 -18.05 11.87 4.36
CA GLN A 335 -18.32 10.63 5.07
C GLN A 335 -17.02 10.02 5.61
N ILE A 336 -16.01 9.90 4.73
CA ILE A 336 -14.72 9.33 5.08
C ILE A 336 -13.98 10.17 6.12
N ALA A 337 -13.96 11.48 5.90
CA ALA A 337 -13.29 12.38 6.82
C ALA A 337 -13.92 12.23 8.21
N ALA A 338 -15.24 12.04 8.26
CA ALA A 338 -15.92 11.88 9.54
C ALA A 338 -15.38 10.63 10.25
N LEU A 339 -15.51 9.47 9.58
CA LEU A 339 -15.04 8.21 10.14
C LEU A 339 -13.65 8.34 10.72
N VAL A 340 -12.77 9.08 10.05
CA VAL A 340 -11.42 9.27 10.56
C VAL A 340 -11.50 10.08 11.84
N ALA A 341 -12.37 11.09 11.83
CA ALA A 341 -12.55 11.94 12.99
C ALA A 341 -12.93 11.02 14.15
N ILE A 342 -13.97 10.21 13.94
CA ILE A 342 -14.41 9.27 14.98
C ILE A 342 -13.26 8.39 15.43
N ARG A 343 -12.42 7.97 14.48
CA ARG A 343 -11.28 7.13 14.81
C ARG A 343 -10.33 7.87 15.74
N LYS A 344 -9.95 9.08 15.35
CA LYS A 344 -9.03 9.90 16.13
C LYS A 344 -9.69 10.30 17.45
N ARG A 345 -10.94 10.76 17.33
CA ARG A 345 -11.76 11.20 18.46
C ARG A 345 -11.71 10.21 19.64
N ASN A 346 -11.40 8.95 19.35
CA ASN A 346 -11.33 7.93 20.41
C ASN A 346 -9.93 7.34 20.59
N GLY A 347 -8.97 7.89 19.86
CA GLY A 347 -7.61 7.39 19.97
C GLY A 347 -7.43 5.96 19.47
N ILE A 348 -8.39 5.52 18.66
CA ILE A 348 -8.32 4.17 18.10
C ILE A 348 -7.07 4.07 17.24
N THR A 349 -6.30 3.01 17.44
CA THR A 349 -5.08 2.82 16.70
C THR A 349 -4.97 1.39 16.14
N ALA A 350 -3.89 1.12 15.43
CA ALA A 350 -3.66 -0.19 14.83
C ALA A 350 -3.89 -1.35 15.80
N THR A 351 -3.40 -1.23 17.02
CA THR A 351 -3.54 -2.31 18.02
C THR A 351 -4.84 -2.32 18.85
N SER A 352 -5.74 -1.38 18.61
CA SER A 352 -6.99 -1.36 19.35
C SER A 352 -7.60 -2.76 19.49
N ALA A 353 -8.29 -3.00 20.59
CA ALA A 353 -8.91 -4.28 20.84
C ALA A 353 -10.18 -4.40 20.02
N LEU A 354 -10.37 -5.55 19.38
CA LEU A 354 -11.55 -5.76 18.57
C LEU A 354 -12.44 -6.84 19.17
N LYS A 355 -13.70 -6.49 19.44
CA LYS A 355 -14.64 -7.48 19.97
C LYS A 355 -15.80 -7.56 19.01
N ILE A 356 -15.83 -8.59 18.20
CA ILE A 356 -16.91 -8.75 17.25
C ILE A 356 -18.18 -9.13 18.02
N LEU A 357 -19.33 -8.71 17.51
CA LEU A 357 -20.60 -8.98 18.19
C LEU A 357 -21.63 -9.62 17.28
N MET A 358 -21.35 -9.67 15.99
CA MET A 358 -22.32 -10.26 15.09
C MET A 358 -21.76 -10.51 13.69
N HIS A 359 -21.83 -11.76 13.25
CA HIS A 359 -21.34 -12.15 11.95
C HIS A 359 -22.46 -12.78 11.12
N GLU A 360 -23.60 -12.11 11.07
CA GLU A 360 -24.71 -12.62 10.29
C GLU A 360 -24.39 -12.38 8.81
N GLY A 361 -24.96 -13.23 7.95
CA GLY A 361 -24.71 -13.08 6.54
C GLY A 361 -24.96 -11.68 6.01
N ASP A 362 -25.89 -10.96 6.63
CA ASP A 362 -26.22 -9.61 6.20
C ASP A 362 -25.96 -8.55 7.26
N ALA A 363 -25.09 -8.84 8.22
CA ALA A 363 -24.78 -7.85 9.25
C ALA A 363 -23.56 -8.17 10.11
N TYR A 364 -22.63 -7.21 10.19
CA TYR A 364 -21.41 -7.34 10.98
C TYR A 364 -21.35 -6.22 12.02
N VAL A 365 -21.20 -6.58 13.28
CA VAL A 365 -21.13 -5.60 14.34
C VAL A 365 -19.92 -5.95 15.21
N ALA A 366 -19.13 -4.94 15.53
CA ALA A 366 -17.95 -5.17 16.33
C ALA A 366 -17.62 -3.94 17.13
N GLU A 367 -17.08 -4.16 18.32
CA GLU A 367 -16.72 -3.08 19.20
C GLU A 367 -15.22 -2.94 19.30
N ILE A 368 -14.74 -1.72 19.07
CA ILE A 368 -13.31 -1.46 19.12
C ILE A 368 -13.02 -0.66 20.38
N ASP A 369 -12.01 -1.07 21.14
CA ASP A 369 -11.65 -0.40 22.38
C ASP A 369 -12.86 -0.09 23.27
N GLY A 370 -13.97 -0.79 23.02
CA GLY A 370 -15.18 -0.57 23.80
C GLY A 370 -15.72 0.85 23.72
N LYS A 371 -15.07 1.69 22.93
CA LYS A 371 -15.48 3.07 22.79
C LYS A 371 -16.26 3.28 21.48
N VAL A 372 -16.01 2.40 20.51
CA VAL A 372 -16.67 2.50 19.23
C VAL A 372 -17.31 1.19 18.78
N VAL A 373 -18.46 1.31 18.13
CA VAL A 373 -19.19 0.16 17.63
C VAL A 373 -19.65 0.48 16.21
N VAL A 374 -19.36 -0.40 15.26
CA VAL A 374 -19.75 -0.14 13.88
C VAL A 374 -20.67 -1.23 13.34
N LYS A 375 -21.28 -0.98 12.19
CA LYS A 375 -22.19 -1.96 11.60
C LYS A 375 -22.36 -1.83 10.09
N ILE A 376 -22.12 -2.92 9.38
CA ILE A 376 -22.26 -2.93 7.93
C ILE A 376 -23.13 -4.11 7.56
N GLY A 377 -24.14 -3.86 6.74
CA GLY A 377 -25.04 -4.92 6.31
C GLY A 377 -26.41 -4.36 5.97
N SER A 378 -27.24 -5.15 5.30
CA SER A 378 -28.59 -4.74 4.92
C SER A 378 -29.59 -4.86 6.07
N ARG A 379 -29.15 -5.45 7.18
CA ARG A 379 -30.02 -5.61 8.33
C ARG A 379 -30.24 -4.27 9.04
N ALA A 380 -31.50 -3.85 9.02
CA ALA A 380 -31.97 -2.58 9.62
C ALA A 380 -31.97 -2.50 11.13
N ASP A 381 -31.71 -3.59 11.84
CA ASP A 381 -31.72 -3.51 13.29
C ASP A 381 -30.76 -4.47 13.97
N VAL A 382 -29.93 -3.93 14.86
CA VAL A 382 -28.97 -4.74 15.60
C VAL A 382 -28.75 -4.08 16.95
N GLY A 383 -29.63 -3.16 17.29
CA GLY A 383 -29.52 -2.45 18.55
C GLY A 383 -29.43 -3.43 19.70
N ALA A 384 -30.12 -4.56 19.55
CA ALA A 384 -30.13 -5.61 20.56
C ALA A 384 -28.74 -5.86 21.16
N VAL A 385 -27.71 -5.78 20.32
CA VAL A 385 -26.34 -6.03 20.77
C VAL A 385 -25.54 -4.77 21.10
N ILE A 386 -26.02 -3.61 20.68
CA ILE A 386 -25.33 -2.37 20.97
C ILE A 386 -25.29 -2.17 22.49
N PRO A 387 -24.08 -2.09 23.08
CA PRO A 387 -24.00 -1.90 24.53
C PRO A 387 -24.81 -0.71 25.03
N ALA A 388 -24.85 -0.53 26.34
CA ALA A 388 -25.61 0.57 26.94
C ALA A 388 -24.77 1.84 27.06
N GLY A 389 -25.35 2.95 26.61
CA GLY A 389 -24.68 4.23 26.68
C GLY A 389 -24.13 4.74 25.35
N PHE A 390 -24.33 3.95 24.30
CA PHE A 390 -23.86 4.33 22.97
C PHE A 390 -24.92 5.09 22.20
N VAL A 391 -24.49 6.13 21.50
CA VAL A 391 -25.38 6.96 20.73
C VAL A 391 -25.00 6.91 19.26
N THR A 392 -26.00 6.68 18.41
CA THR A 392 -25.77 6.64 16.97
C THR A 392 -24.93 7.83 16.57
N SER A 393 -23.91 7.58 15.75
CA SER A 393 -23.03 8.62 15.26
C SER A 393 -23.10 8.65 13.73
N ALA A 394 -21.94 8.60 13.08
CA ALA A 394 -21.91 8.59 11.62
C ALA A 394 -22.77 7.45 11.08
N HIS A 395 -23.24 7.58 9.85
CA HIS A 395 -24.06 6.53 9.26
C HIS A 395 -24.33 6.86 7.80
N GLY A 396 -24.62 5.84 7.01
CA GLY A 396 -24.89 6.04 5.61
C GLY A 396 -25.39 4.75 5.01
N ASN A 397 -25.23 4.57 3.70
CA ASN A 397 -25.70 3.35 3.08
C ASN A 397 -25.11 2.09 3.71
N ASP A 398 -26.00 1.22 4.17
CA ASP A 398 -25.66 -0.04 4.81
C ASP A 398 -24.55 -0.02 5.86
N TYR A 399 -24.43 1.07 6.61
CA TYR A 399 -23.45 1.17 7.69
C TYR A 399 -23.82 2.24 8.69
N ALA A 400 -23.32 2.12 9.91
CA ALA A 400 -23.61 3.07 10.98
C ALA A 400 -22.56 2.90 12.09
N VAL A 401 -22.22 4.00 12.77
CA VAL A 401 -21.24 3.96 13.84
C VAL A 401 -21.86 4.40 15.17
N TRP A 402 -21.25 4.00 16.28
CA TRP A 402 -21.75 4.33 17.61
C TRP A 402 -20.59 4.70 18.54
N GLU A 403 -20.84 5.61 19.47
CA GLU A 403 -19.83 6.04 20.44
C GLU A 403 -20.54 6.17 21.78
N LYS A 404 -19.77 6.18 22.88
CA LYS A 404 -20.36 6.32 24.21
C LYS A 404 -19.60 7.32 25.07
CA CA B . 12.87 -10.62 -8.96
CA CA C . 25.63 7.76 -15.24
CA CA D . 12.44 -10.01 -15.51
#